data_8K41
#
_entry.id   8K41
#
_cell.length_a   102.330
_cell.length_b   102.330
_cell.length_c   108.700
_cell.angle_alpha   90.000
_cell.angle_beta   90.000
_cell.angle_gamma   120.000
#
_symmetry.space_group_name_H-M   'P 31 2 1'
#
loop_
_entity.id
_entity.type
_entity.pdbx_description
1 polymer 'NAD(P)/FAD-dependent oxidoreductase'
2 non-polymer 'NADPH DIHYDRO-NICOTINAMIDE-ADENINE-DINUCLEOTIDE PHOSPHATE'
3 non-polymer 'FLAVIN-ADENINE DINUCLEOTIDE'
4 water water
#
_entity_poly.entity_id   1
_entity_poly.type   'polypeptide(L)'
_entity_poly.pdbx_seq_one_letter_code
;AMADIGSEMKEYDVFIIGSGMAGMTIANKCASKGLTVGITDELPYGGTCALRGCDPKKVIIGATEVRDFAKRLKGSGIDT
IPKVNWKDIMAFKQSFVDEMPPKVEKGYKRNGIDTFHSSAKFLSQNTLEIGNEKIKAKKIVIASGSKPRVLEFEGGHFAK
TSADFLNLDELPKSLLFIGGGYIAFEFAHIAARCGAEVTIVHRGNNPLENFEQDIVKHLVSATKKLGVKLILNTDVTAIE
KADKKFRVKGKSAEKTEYFEAEAVFNSAGRPPAIFDLELEKAGISFTKKGVSVNEHLQNTSNPIVYAAGDAADSEGLPLT
PVAVLEGHTVASNIIKGNHKKISYPPMPTVVFTLPTMASVGYTESRARELNYNIQVNYKEVGDWFNAKRLNVAEYAFKTI
IDEETQTILGAHLIGPHTEETINLFAMAIKTKMKVNDIRTMIFSYPTLASDIPHML
;
_entity_poly.pdbx_strand_id   A
#
# COMPACT_ATOMS: atom_id res chain seq x y z
N LYS A 10 -7.52 -9.05 34.46
CA LYS A 10 -8.21 -9.76 33.32
C LYS A 10 -7.21 -10.66 32.59
N GLU A 11 -7.62 -11.89 32.26
CA GLU A 11 -6.78 -12.96 31.66
C GLU A 11 -7.51 -13.51 30.44
N TYR A 12 -6.90 -13.42 29.24
CA TYR A 12 -7.49 -13.92 27.97
C TYR A 12 -6.64 -15.05 27.39
N ASP A 13 -7.24 -15.86 26.52
CA ASP A 13 -6.49 -16.82 25.67
C ASP A 13 -5.66 -16.01 24.65
N VAL A 14 -6.24 -14.95 24.10
CA VAL A 14 -5.65 -14.11 23.02
C VAL A 14 -5.96 -12.63 23.29
N PHE A 15 -4.93 -11.79 23.39
CA PHE A 15 -5.06 -10.31 23.31
C PHE A 15 -4.39 -9.85 22.01
N ILE A 16 -5.08 -9.00 21.26
CA ILE A 16 -4.62 -8.48 19.93
C ILE A 16 -4.38 -6.97 20.04
N ILE A 17 -3.23 -6.48 19.56
CA ILE A 17 -2.95 -5.02 19.43
C ILE A 17 -3.24 -4.59 17.98
N GLY A 18 -4.27 -3.76 17.76
CA GLY A 18 -4.67 -3.22 16.45
C GLY A 18 -5.82 -4.00 15.83
N SER A 19 -6.89 -3.29 15.46
CA SER A 19 -8.00 -3.83 14.65
C SER A 19 -7.96 -3.17 13.28
N GLY A 20 -6.83 -3.32 12.58
CA GLY A 20 -6.81 -3.30 11.11
C GLY A 20 -7.06 -4.69 10.54
N MET A 21 -6.67 -4.91 9.29
CA MET A 21 -6.97 -6.16 8.55
C MET A 21 -6.47 -7.38 9.32
N ALA A 22 -5.24 -7.34 9.85
CA ALA A 22 -4.53 -8.45 10.54
C ALA A 22 -5.24 -8.80 11.86
N GLY A 23 -5.40 -7.78 12.71
CA GLY A 23 -6.03 -7.88 14.04
C GLY A 23 -7.46 -8.36 13.96
N MET A 24 -8.31 -7.72 13.16
CA MET A 24 -9.68 -8.18 12.85
C MET A 24 -9.66 -9.67 12.46
N THR A 25 -8.96 -10.01 11.39
CA THR A 25 -8.93 -11.38 10.83
C THR A 25 -8.74 -12.39 11.96
N ILE A 26 -7.85 -12.08 12.92
CA ILE A 26 -7.41 -13.02 13.99
C ILE A 26 -8.45 -13.00 15.11
N ALA A 27 -8.91 -11.82 15.53
CA ALA A 27 -10.01 -11.71 16.51
C ALA A 27 -11.14 -12.65 16.05
N ASN A 28 -11.79 -12.34 14.91
CA ASN A 28 -12.99 -13.06 14.40
C ASN A 28 -12.72 -14.56 14.32
N LYS A 29 -11.60 -14.98 13.78
CA LYS A 29 -11.32 -16.42 13.61
C LYS A 29 -11.18 -17.09 15.00
N CYS A 30 -10.36 -16.53 15.90
CA CYS A 30 -10.06 -17.09 17.25
C CYS A 30 -11.34 -17.18 18.10
N ALA A 31 -12.11 -16.08 18.13
CA ALA A 31 -13.42 -15.98 18.80
C ALA A 31 -14.29 -17.14 18.31
N SER A 32 -14.33 -17.37 17.00
CA SER A 32 -15.17 -18.39 16.32
C SER A 32 -14.82 -19.81 16.81
N LYS A 33 -13.64 -20.05 17.41
CA LYS A 33 -13.24 -21.41 17.87
C LYS A 33 -13.22 -21.47 19.40
N GLY A 34 -13.93 -20.56 20.06
CA GLY A 34 -14.23 -20.64 21.50
C GLY A 34 -13.10 -20.16 22.39
N LEU A 35 -12.08 -19.48 21.83
CA LEU A 35 -11.07 -18.74 22.65
C LEU A 35 -11.70 -17.45 23.15
N THR A 36 -11.23 -17.00 24.30
CA THR A 36 -11.52 -15.68 24.91
C THR A 36 -10.64 -14.63 24.24
N VAL A 37 -11.24 -13.63 23.59
CA VAL A 37 -10.51 -12.63 22.76
C VAL A 37 -10.67 -11.23 23.37
N GLY A 38 -9.54 -10.53 23.46
CA GLY A 38 -9.45 -9.09 23.75
C GLY A 38 -8.65 -8.37 22.66
N ILE A 39 -8.97 -7.10 22.40
CA ILE A 39 -8.40 -6.31 21.27
C ILE A 39 -8.53 -4.82 21.57
N THR A 40 -7.44 -4.08 21.45
CA THR A 40 -7.41 -2.59 21.54
C THR A 40 -6.95 -2.02 20.20
N ASP A 41 -7.50 -0.88 19.83
CA ASP A 41 -6.97 0.03 18.78
C ASP A 41 -6.95 1.42 19.41
N GLU A 42 -5.88 2.18 19.23
CA GLU A 42 -5.72 3.54 19.79
C GLU A 42 -6.50 4.54 18.93
N LEU A 43 -7.09 4.07 17.83
CA LEU A 43 -7.87 4.84 16.83
C LEU A 43 -9.14 4.05 16.56
N PRO A 44 -10.17 4.62 15.88
CA PRO A 44 -11.36 3.86 15.48
C PRO A 44 -11.02 2.53 14.79
N TYR A 45 -11.80 1.50 15.10
CA TYR A 45 -11.61 0.11 14.60
C TYR A 45 -11.74 0.11 13.08
N GLY A 46 -10.86 -0.63 12.39
CA GLY A 46 -10.93 -0.85 10.93
C GLY A 46 -9.56 -0.87 10.25
N GLY A 47 -8.58 -0.17 10.83
CA GLY A 47 -7.20 -0.16 10.33
C GLY A 47 -6.98 0.91 9.29
N THR A 48 -5.77 0.94 8.73
CA THR A 48 -5.27 1.98 7.81
C THR A 48 -5.97 1.90 6.45
N CYS A 49 -6.16 0.67 5.93
CA CYS A 49 -6.67 0.49 4.55
C CYS A 49 -8.05 1.12 4.49
N ALA A 50 -8.95 0.70 5.40
CA ALA A 50 -10.37 1.07 5.46
C ALA A 50 -10.56 2.54 5.84
N LEU A 51 -9.73 3.08 6.75
CA LEU A 51 -10.04 4.40 7.38
C LEU A 51 -9.19 5.54 6.77
N ARG A 52 -7.99 5.26 6.27
CA ARG A 52 -6.99 6.29 5.91
C ARG A 52 -5.99 5.78 4.85
N GLY A 53 -6.43 4.88 3.96
CA GLY A 53 -5.58 4.22 2.95
C GLY A 53 -6.36 3.78 1.71
N CYS A 54 -6.29 2.49 1.35
CA CYS A 54 -6.70 1.97 0.00
C CYS A 54 -8.11 2.44 -0.37
N ASP A 55 -9.07 2.25 0.54
CA ASP A 55 -10.53 2.44 0.35
C ASP A 55 -10.84 3.94 0.20
N PRO A 56 -10.52 4.84 1.14
CA PRO A 56 -10.82 6.26 0.97
C PRO A 56 -10.16 6.85 -0.29
N LYS A 57 -8.92 6.45 -0.57
CA LYS A 57 -8.14 6.80 -1.78
C LYS A 57 -8.92 6.40 -3.05
N LYS A 58 -9.26 5.10 -3.21
CA LYS A 58 -9.89 4.54 -4.44
C LYS A 58 -11.23 5.23 -4.74
N VAL A 59 -12.01 5.56 -3.70
CA VAL A 59 -13.30 6.27 -3.81
C VAL A 59 -13.05 7.60 -4.54
N ILE A 60 -12.09 8.36 -4.00
CA ILE A 60 -11.67 9.69 -4.52
C ILE A 60 -11.13 9.53 -5.95
N ILE A 61 -10.26 8.54 -6.17
CA ILE A 61 -9.64 8.31 -7.52
C ILE A 61 -10.79 8.17 -8.54
N GLY A 62 -11.89 7.57 -8.11
CA GLY A 62 -13.07 7.34 -8.96
C GLY A 62 -13.48 8.60 -9.69
N ALA A 63 -13.59 9.75 -8.99
CA ALA A 63 -14.09 11.02 -9.59
C ALA A 63 -13.06 11.55 -10.58
N THR A 64 -11.79 11.24 -10.36
CA THR A 64 -10.68 11.64 -11.26
C THR A 64 -10.81 10.79 -12.53
N GLU A 65 -11.06 9.49 -12.39
CA GLU A 65 -11.26 8.56 -13.54
C GLU A 65 -12.25 9.21 -14.51
N VAL A 66 -13.26 9.90 -14.00
CA VAL A 66 -14.33 10.53 -14.81
C VAL A 66 -13.73 11.66 -15.66
N ARG A 67 -12.96 12.57 -15.04
CA ARG A 67 -12.31 13.72 -15.71
C ARG A 67 -11.33 13.17 -16.78
N ASP A 68 -10.38 12.35 -16.36
CA ASP A 68 -9.34 11.72 -17.22
C ASP A 68 -9.96 11.06 -18.46
N PHE A 69 -11.03 10.27 -18.28
CA PHE A 69 -11.66 9.48 -19.38
C PHE A 69 -12.30 10.47 -20.37
N ALA A 70 -13.01 11.51 -19.87
CA ALA A 70 -13.58 12.62 -20.68
C ALA A 70 -12.46 13.41 -21.39
N LYS A 71 -11.41 13.78 -20.66
CA LYS A 71 -10.24 14.54 -21.21
C LYS A 71 -9.68 13.75 -22.40
N ARG A 72 -9.62 12.44 -22.25
CA ARG A 72 -9.03 11.49 -23.24
C ARG A 72 -9.87 11.39 -24.52
N LEU A 73 -11.19 11.45 -24.46
CA LEU A 73 -12.03 11.35 -25.68
C LEU A 73 -12.56 12.73 -26.08
N LYS A 74 -11.91 13.82 -25.64
CA LYS A 74 -12.38 15.20 -25.95
C LYS A 74 -12.39 15.36 -27.48
N GLY A 75 -13.52 15.76 -28.07
CA GLY A 75 -13.63 16.00 -29.51
C GLY A 75 -13.93 14.73 -30.30
N SER A 76 -13.60 13.56 -29.73
CA SER A 76 -13.90 12.21 -30.30
C SER A 76 -15.28 11.72 -29.90
N GLY A 77 -16.10 12.54 -29.21
CA GLY A 77 -17.45 12.13 -28.81
C GLY A 77 -17.87 12.72 -27.48
N ILE A 78 -16.94 13.37 -26.79
CA ILE A 78 -17.18 14.09 -25.50
C ILE A 78 -16.78 15.55 -25.75
N ASP A 79 -17.58 16.49 -25.26
CA ASP A 79 -17.45 17.93 -25.57
C ASP A 79 -17.28 18.76 -24.28
N THR A 80 -17.27 18.10 -23.11
CA THR A 80 -17.13 18.76 -21.78
C THR A 80 -16.29 17.85 -20.85
N ILE A 81 -15.27 18.43 -20.20
CA ILE A 81 -14.39 17.77 -19.20
C ILE A 81 -14.79 18.27 -17.82
N PRO A 82 -15.43 17.44 -16.97
CA PRO A 82 -15.88 17.89 -15.65
C PRO A 82 -14.72 18.30 -14.74
N LYS A 83 -14.87 19.43 -14.04
CA LYS A 83 -14.11 19.80 -12.82
C LYS A 83 -14.56 18.80 -11.75
N VAL A 84 -13.66 18.41 -10.85
CA VAL A 84 -14.01 17.54 -9.68
C VAL A 84 -14.41 18.49 -8.54
N ASN A 85 -15.54 18.18 -7.90
CA ASN A 85 -16.12 18.93 -6.76
C ASN A 85 -15.51 18.34 -5.48
N TRP A 86 -14.44 18.97 -5.00
CA TRP A 86 -13.63 18.43 -3.88
C TRP A 86 -14.55 18.08 -2.71
N LYS A 87 -15.31 19.06 -2.21
CA LYS A 87 -16.19 18.86 -1.03
C LYS A 87 -16.99 17.57 -1.24
N ASP A 88 -17.74 17.48 -2.35
CA ASP A 88 -18.73 16.41 -2.64
C ASP A 88 -18.03 15.05 -2.58
N ILE A 89 -16.88 14.90 -3.23
CA ILE A 89 -16.17 13.59 -3.23
C ILE A 89 -15.56 13.30 -1.87
N MET A 90 -14.97 14.30 -1.18
CA MET A 90 -14.53 14.15 0.24
C MET A 90 -15.71 13.62 1.06
N ALA A 91 -16.87 14.24 0.92
CA ALA A 91 -18.08 13.93 1.73
C ALA A 91 -18.47 12.47 1.44
N PHE A 92 -18.45 12.10 0.15
CA PHE A 92 -18.75 10.73 -0.35
C PHE A 92 -17.72 9.76 0.25
N LYS A 93 -16.45 10.06 0.11
CA LYS A 93 -15.36 9.30 0.77
C LYS A 93 -15.72 9.12 2.24
N GLN A 94 -16.03 10.22 2.91
CA GLN A 94 -16.19 10.28 4.39
C GLN A 94 -17.28 9.30 4.85
N SER A 95 -18.33 9.10 4.04
CA SER A 95 -19.44 8.15 4.35
C SER A 95 -18.90 6.72 4.49
N PHE A 96 -18.05 6.25 3.58
CA PHE A 96 -17.51 4.87 3.64
C PHE A 96 -16.68 4.75 4.91
N VAL A 97 -15.95 5.83 5.23
CA VAL A 97 -15.01 5.89 6.40
C VAL A 97 -15.79 5.75 7.71
N ASP A 98 -16.79 6.62 7.92
CA ASP A 98 -17.64 6.72 9.14
C ASP A 98 -18.43 5.43 9.40
N GLU A 99 -18.89 4.75 8.35
CA GLU A 99 -19.74 3.53 8.50
C GLU A 99 -18.91 2.30 8.91
N MET A 100 -17.57 2.35 8.87
CA MET A 100 -16.70 1.16 9.04
C MET A 100 -16.61 0.77 10.52
N PRO A 101 -16.20 1.66 11.46
CA PRO A 101 -16.01 1.24 12.85
C PRO A 101 -17.26 0.64 13.50
N PRO A 102 -18.44 1.28 13.44
CA PRO A 102 -19.65 0.68 14.02
C PRO A 102 -19.84 -0.76 13.53
N LYS A 103 -19.59 -0.98 12.24
CA LYS A 103 -19.78 -2.30 11.58
C LYS A 103 -18.91 -3.33 12.31
N VAL A 104 -17.65 -2.96 12.58
CA VAL A 104 -16.58 -3.87 13.10
C VAL A 104 -16.91 -4.17 14.56
N GLU A 105 -17.10 -3.11 15.36
CA GLU A 105 -17.46 -3.16 16.81
C GLU A 105 -18.67 -4.08 17.01
N LYS A 106 -19.73 -3.80 16.25
CA LYS A 106 -21.00 -4.57 16.26
C LYS A 106 -20.68 -6.05 15.96
N GLY A 107 -19.70 -6.31 15.10
CA GLY A 107 -19.23 -7.68 14.78
C GLY A 107 -18.53 -8.31 15.98
N TYR A 108 -17.81 -7.50 16.76
CA TYR A 108 -17.06 -7.93 17.96
C TYR A 108 -18.03 -8.27 19.10
N LYS A 109 -18.80 -7.30 19.59
CA LYS A 109 -19.87 -7.52 20.59
C LYS A 109 -20.65 -8.78 20.17
N ARG A 110 -20.90 -8.95 18.88
CA ARG A 110 -21.70 -10.09 18.34
C ARG A 110 -20.93 -11.41 18.40
N ASN A 111 -19.59 -11.39 18.38
CA ASN A 111 -18.74 -12.61 18.37
C ASN A 111 -18.26 -12.93 19.79
N GLY A 112 -18.57 -12.06 20.76
CA GLY A 112 -18.12 -12.24 22.15
C GLY A 112 -16.65 -11.89 22.28
N ILE A 113 -16.30 -10.70 21.75
CA ILE A 113 -14.93 -10.15 21.75
C ILE A 113 -14.89 -8.89 22.62
N ASP A 114 -14.06 -8.92 23.66
CA ASP A 114 -13.76 -7.78 24.57
C ASP A 114 -13.00 -6.70 23.82
N THR A 115 -13.49 -5.45 23.86
CA THR A 115 -13.07 -4.35 22.97
C THR A 115 -12.52 -3.21 23.83
N PHE A 116 -11.35 -2.68 23.47
CA PHE A 116 -10.65 -1.57 24.17
C PHE A 116 -10.27 -0.50 23.16
N HIS A 117 -10.03 0.74 23.62
CA HIS A 117 -9.87 1.93 22.75
C HIS A 117 -8.71 2.81 23.24
N SER A 118 -7.63 2.21 23.76
CA SER A 118 -6.40 2.92 24.23
C SER A 118 -5.13 2.38 23.53
N SER A 119 -4.08 3.21 23.52
CA SER A 119 -2.70 2.83 23.15
C SER A 119 -2.20 1.75 24.11
N ALA A 120 -1.39 0.82 23.62
CA ALA A 120 -0.90 -0.36 24.38
C ALA A 120 0.62 -0.31 24.50
N LYS A 121 1.12 -0.54 25.72
CA LYS A 121 2.54 -0.78 26.08
C LYS A 121 2.64 -2.12 26.80
N PHE A 122 3.74 -2.86 26.67
CA PHE A 122 4.04 -4.04 27.50
C PHE A 122 4.54 -3.55 28.88
N LEU A 123 4.14 -4.27 29.93
CA LEU A 123 4.69 -4.10 31.30
C LEU A 123 5.62 -5.28 31.58
N SER A 124 5.33 -6.46 31.03
CA SER A 124 6.21 -7.67 31.12
C SER A 124 5.90 -8.66 29.99
N GLN A 125 6.51 -9.85 30.10
CA GLN A 125 6.50 -10.98 29.14
C GLN A 125 5.10 -11.29 28.59
N ASN A 126 4.07 -11.19 29.44
CA ASN A 126 2.70 -11.71 29.18
C ASN A 126 1.64 -10.73 29.71
N THR A 127 1.90 -9.41 29.62
CA THR A 127 1.16 -8.39 30.42
C THR A 127 1.28 -7.01 29.76
N LEU A 128 0.18 -6.25 29.75
CA LEU A 128 -0.05 -5.04 28.91
C LEU A 128 -0.73 -3.94 29.72
N GLU A 129 -0.24 -2.70 29.61
CA GLU A 129 -0.93 -1.49 30.11
C GLU A 129 -1.87 -0.99 29.00
N ILE A 130 -3.17 -1.24 29.09
CA ILE A 130 -4.20 -0.71 28.15
C ILE A 130 -4.83 0.54 28.79
N GLY A 131 -4.55 1.73 28.24
CA GLY A 131 -4.94 3.03 28.82
C GLY A 131 -4.46 3.16 30.25
N ASN A 132 -5.37 3.00 31.22
CA ASN A 132 -5.08 3.03 32.69
C ASN A 132 -5.53 1.70 33.30
N GLU A 133 -5.32 0.57 32.61
CA GLU A 133 -5.60 -0.81 33.10
C GLU A 133 -4.37 -1.69 32.93
N LYS A 134 -4.31 -2.78 33.69
CA LYS A 134 -3.34 -3.90 33.55
C LYS A 134 -4.10 -5.09 32.96
N ILE A 135 -3.52 -5.81 31.97
CA ILE A 135 -4.17 -6.99 31.29
C ILE A 135 -3.12 -8.07 30.99
N LYS A 136 -3.52 -9.34 31.07
CA LYS A 136 -2.64 -10.53 30.87
C LYS A 136 -3.31 -11.45 29.85
N ALA A 137 -2.51 -12.26 29.15
CA ALA A 137 -2.98 -13.22 28.11
C ALA A 137 -2.02 -14.40 28.00
N LYS A 138 -2.49 -15.51 27.43
CA LYS A 138 -1.73 -16.75 27.15
C LYS A 138 -0.96 -16.63 25.82
N LYS A 139 -1.55 -15.94 24.85
CA LYS A 139 -0.92 -15.60 23.53
C LYS A 139 -1.24 -14.14 23.23
N ILE A 140 -0.27 -13.39 22.76
CA ILE A 140 -0.42 -11.95 22.39
C ILE A 140 -0.05 -11.82 20.90
N VAL A 141 -0.77 -10.94 20.18
CA VAL A 141 -0.57 -10.69 18.73
C VAL A 141 -0.33 -9.19 18.54
N ILE A 142 0.73 -8.83 17.81
CA ILE A 142 1.06 -7.43 17.40
C ILE A 142 0.66 -7.29 15.94
N ALA A 143 -0.43 -6.57 15.70
CA ALA A 143 -1.00 -6.28 14.37
C ALA A 143 -1.32 -4.79 14.32
N SER A 144 -0.33 -3.95 14.67
CA SER A 144 -0.42 -2.48 14.85
C SER A 144 -0.08 -1.76 13.55
N GLY A 145 0.11 -2.50 12.46
CA GLY A 145 0.48 -1.97 11.14
C GLY A 145 1.74 -1.13 11.19
N SER A 146 1.70 0.00 10.49
CA SER A 146 2.81 0.92 10.20
C SER A 146 2.29 2.37 10.30
N LYS A 147 3.15 3.38 10.26
CA LYS A 147 2.78 4.79 10.59
C LYS A 147 3.69 5.74 9.82
N PRO A 148 3.24 6.96 9.44
CA PRO A 148 4.11 7.88 8.72
C PRO A 148 5.47 8.00 9.45
N ARG A 149 6.58 8.09 8.70
CA ARG A 149 7.94 8.22 9.27
C ARG A 149 8.02 9.54 10.03
N VAL A 150 8.54 9.53 11.25
CA VAL A 150 8.77 10.78 12.02
C VAL A 150 9.98 11.47 11.40
N LEU A 151 9.74 12.59 10.72
CA LEU A 151 10.77 13.34 9.97
C LEU A 151 11.63 14.13 10.96
N GLU A 152 12.87 13.66 11.17
CA GLU A 152 13.75 13.99 12.33
C GLU A 152 14.25 15.43 12.23
N PHE A 153 14.46 15.93 11.01
CA PHE A 153 15.14 17.20 10.70
C PHE A 153 14.26 18.40 11.04
N GLU A 154 14.82 19.60 10.83
CA GLU A 154 14.22 20.92 11.16
C GLU A 154 12.98 21.17 10.30
N GLY A 155 11.84 21.46 10.93
CA GLY A 155 10.54 21.63 10.25
C GLY A 155 9.81 20.30 10.05
N GLY A 156 10.47 19.16 10.30
CA GLY A 156 9.93 17.82 10.05
C GLY A 156 8.44 17.71 10.36
N HIS A 157 8.00 18.40 11.41
CA HIS A 157 6.67 18.25 12.02
C HIS A 157 5.62 19.03 11.21
N PHE A 158 6.02 19.90 10.28
CA PHE A 158 5.08 20.62 9.36
C PHE A 158 4.64 19.73 8.20
N ALA A 159 5.26 18.56 8.06
CA ALA A 159 4.86 17.52 7.10
C ALA A 159 3.51 16.95 7.51
N LYS A 160 2.46 17.20 6.72
CA LYS A 160 1.13 16.57 6.90
C LYS A 160 1.22 15.10 6.44
N THR A 161 0.26 14.27 6.83
CA THR A 161 0.32 12.80 6.61
C THR A 161 -0.44 12.46 5.33
N SER A 162 -0.31 11.21 4.88
CA SER A 162 -1.25 10.56 3.92
C SER A 162 -2.69 10.73 4.45
N ALA A 163 -2.90 10.45 5.74
CA ALA A 163 -4.21 10.53 6.43
C ALA A 163 -4.75 11.97 6.37
N ASP A 164 -3.95 12.98 6.73
CA ASP A 164 -4.35 14.40 6.62
C ASP A 164 -4.84 14.65 5.20
N PHE A 165 -4.06 14.21 4.20
CA PHE A 165 -4.36 14.42 2.77
C PHE A 165 -5.78 13.91 2.50
N LEU A 166 -6.05 12.68 2.94
CA LEU A 166 -7.35 12.01 2.68
C LEU A 166 -8.51 12.73 3.41
N ASN A 167 -8.25 13.71 4.28
CA ASN A 167 -9.28 14.36 5.15
C ASN A 167 -9.52 15.84 4.79
N LEU A 168 -8.75 16.45 3.89
CA LEU A 168 -8.79 17.89 3.53
C LEU A 168 -10.20 18.39 3.20
N ASP A 169 -10.59 19.55 3.73
CA ASP A 169 -11.88 20.23 3.44
C ASP A 169 -11.81 20.93 2.08
N GLU A 170 -10.65 21.53 1.83
CA GLU A 170 -10.31 22.20 0.56
C GLU A 170 -8.99 21.61 0.05
N LEU A 171 -8.90 21.48 -1.27
CA LEU A 171 -7.62 21.16 -1.95
C LEU A 171 -6.80 22.43 -2.01
N PRO A 172 -5.56 22.44 -1.44
CA PRO A 172 -4.70 23.63 -1.52
C PRO A 172 -4.50 24.04 -2.99
N LYS A 173 -3.80 25.15 -3.19
CA LYS A 173 -3.44 25.69 -4.53
C LYS A 173 -2.13 25.06 -5.00
N SER A 174 -1.29 24.59 -4.07
CA SER A 174 0.07 24.02 -4.33
C SER A 174 0.41 22.98 -3.26
N LEU A 175 0.88 21.79 -3.69
CA LEU A 175 1.25 20.67 -2.79
C LEU A 175 2.70 20.30 -3.07
N LEU A 176 3.38 19.73 -2.09
CA LEU A 176 4.73 19.16 -2.29
C LEU A 176 4.82 17.88 -1.48
N PHE A 177 5.16 16.76 -2.12
CA PHE A 177 5.33 15.44 -1.47
C PHE A 177 6.82 15.19 -1.24
N ILE A 178 7.20 14.79 -0.04
CA ILE A 178 8.57 14.29 0.30
C ILE A 178 8.60 12.79 0.11
N GLY A 179 9.33 12.32 -0.90
CA GLY A 179 9.58 10.88 -1.16
C GLY A 179 8.75 10.40 -2.31
N GLY A 180 9.39 9.82 -3.33
CA GLY A 180 8.77 9.41 -4.61
C GLY A 180 8.45 7.92 -4.62
N GLY A 181 7.53 7.48 -3.76
CA GLY A 181 6.97 6.12 -3.80
C GLY A 181 5.49 6.09 -4.18
N TYR A 182 4.81 5.02 -3.80
CA TYR A 182 3.38 4.81 -4.14
C TYR A 182 2.61 6.11 -3.88
N ILE A 183 2.69 6.60 -2.65
CA ILE A 183 1.73 7.59 -2.08
C ILE A 183 1.91 8.90 -2.84
N ALA A 184 3.15 9.39 -2.93
CA ALA A 184 3.53 10.63 -3.64
C ALA A 184 2.89 10.63 -5.03
N PHE A 185 2.97 9.49 -5.72
CA PHE A 185 2.56 9.44 -7.15
C PHE A 185 1.04 9.38 -7.25
N GLU A 186 0.40 8.50 -6.47
CA GLU A 186 -1.09 8.36 -6.44
C GLU A 186 -1.74 9.67 -6.01
N PHE A 187 -1.20 10.29 -4.96
CA PHE A 187 -1.76 11.54 -4.39
C PHE A 187 -1.45 12.70 -5.32
N ALA A 188 -0.31 12.70 -6.00
CA ALA A 188 0.03 13.74 -6.99
C ALA A 188 -1.01 13.72 -8.13
N HIS A 189 -1.33 12.55 -8.66
CA HIS A 189 -2.33 12.35 -9.75
C HIS A 189 -3.67 12.95 -9.30
N ILE A 190 -4.17 12.47 -8.17
CA ILE A 190 -5.43 13.00 -7.55
C ILE A 190 -5.36 14.53 -7.49
N ALA A 191 -4.36 15.07 -6.78
CA ALA A 191 -4.21 16.52 -6.54
C ALA A 191 -4.19 17.27 -7.88
N ALA A 192 -3.42 16.79 -8.85
CA ALA A 192 -3.23 17.49 -10.14
C ALA A 192 -4.56 17.47 -10.90
N ARG A 193 -5.25 16.33 -10.92
CA ARG A 193 -6.51 16.18 -11.70
C ARG A 193 -7.60 17.06 -11.11
N CYS A 194 -7.47 17.48 -9.85
CA CYS A 194 -8.46 18.33 -9.14
C CYS A 194 -8.06 19.83 -9.18
N GLY A 195 -6.95 20.15 -9.85
CA GLY A 195 -6.63 21.50 -10.33
C GLY A 195 -5.53 22.21 -9.55
N ALA A 196 -4.75 21.49 -8.71
CA ALA A 196 -3.63 22.03 -7.90
C ALA A 196 -2.28 21.80 -8.61
N GLU A 197 -1.33 22.74 -8.45
CA GLU A 197 0.11 22.55 -8.77
C GLU A 197 0.65 21.51 -7.79
N VAL A 198 1.56 20.64 -8.20
CA VAL A 198 2.12 19.56 -7.34
C VAL A 198 3.60 19.35 -7.69
N THR A 199 4.40 19.11 -6.66
CA THR A 199 5.83 18.78 -6.77
C THR A 199 6.07 17.52 -5.95
N ILE A 200 6.89 16.61 -6.47
CA ILE A 200 7.42 15.42 -5.74
C ILE A 200 8.94 15.59 -5.64
N VAL A 201 9.49 15.46 -4.44
CA VAL A 201 10.94 15.59 -4.20
C VAL A 201 11.45 14.26 -3.66
N HIS A 202 12.36 13.61 -4.40
CA HIS A 202 12.80 12.23 -4.14
C HIS A 202 14.31 12.19 -4.12
N ARG A 203 14.93 11.59 -3.11
CA ARG A 203 16.41 11.65 -2.89
C ARG A 203 17.14 10.68 -3.85
N GLY A 204 16.44 9.64 -4.31
CA GLY A 204 17.00 8.63 -5.24
C GLY A 204 17.18 9.17 -6.66
N ASN A 205 17.96 8.44 -7.46
CA ASN A 205 18.13 8.77 -8.90
C ASN A 205 16.88 8.30 -9.65
N ASN A 206 16.23 7.24 -9.14
CA ASN A 206 14.97 6.68 -9.72
C ASN A 206 13.80 6.89 -8.75
N PRO A 207 12.61 7.28 -9.27
CA PRO A 207 11.36 7.16 -8.51
C PRO A 207 10.96 5.68 -8.34
N LEU A 208 10.02 5.39 -7.44
CA LEU A 208 9.28 4.09 -7.42
C LEU A 208 10.30 2.96 -7.63
N GLU A 209 11.31 2.97 -6.77
CA GLU A 209 12.63 2.32 -6.99
C GLU A 209 12.50 0.79 -7.14
N ASN A 210 11.48 0.15 -6.53
CA ASN A 210 11.34 -1.34 -6.57
C ASN A 210 10.56 -1.79 -7.81
N PHE A 211 9.98 -0.86 -8.57
CA PHE A 211 9.37 -1.18 -9.87
C PHE A 211 10.43 -1.27 -10.97
N GLU A 212 10.06 -1.98 -12.03
CA GLU A 212 10.82 -2.12 -13.31
C GLU A 212 10.92 -0.72 -13.93
N GLN A 213 12.13 -0.15 -14.01
CA GLN A 213 12.29 1.25 -14.46
C GLN A 213 11.91 1.37 -15.94
N ASP A 214 11.99 0.27 -16.70
CA ASP A 214 11.59 0.27 -18.14
C ASP A 214 10.08 0.59 -18.26
N ILE A 215 9.34 0.33 -17.18
CA ILE A 215 7.88 0.63 -17.01
C ILE A 215 7.69 1.98 -16.32
N VAL A 216 8.38 2.18 -15.19
CA VAL A 216 8.27 3.42 -14.36
C VAL A 216 8.30 4.66 -15.25
N LYS A 217 9.18 4.68 -16.26
CA LYS A 217 9.54 5.87 -17.05
C LYS A 217 8.30 6.37 -17.80
N HIS A 218 7.34 5.49 -18.08
CA HIS A 218 6.13 5.81 -18.88
C HIS A 218 5.16 6.58 -17.99
N LEU A 219 5.08 6.16 -16.72
CA LEU A 219 4.30 6.80 -15.63
C LEU A 219 4.91 8.17 -15.32
N VAL A 220 6.25 8.23 -15.27
CA VAL A 220 7.01 9.50 -15.06
C VAL A 220 6.61 10.43 -16.20
N SER A 221 6.60 9.90 -17.43
CA SER A 221 6.13 10.60 -18.65
C SER A 221 4.68 11.07 -18.46
N ALA A 222 3.78 10.13 -18.11
CA ALA A 222 2.33 10.38 -17.89
C ALA A 222 2.14 11.47 -16.83
N THR A 223 2.91 11.40 -15.75
CA THR A 223 2.88 12.30 -14.57
C THR A 223 3.23 13.76 -14.94
N LYS A 224 4.28 13.93 -15.75
CA LYS A 224 4.83 15.26 -16.18
C LYS A 224 3.86 15.90 -17.20
N LYS A 225 3.30 15.12 -18.12
CA LYS A 225 2.25 15.60 -19.06
C LYS A 225 1.07 16.13 -18.25
N LEU A 226 0.89 15.63 -17.03
CA LEU A 226 -0.20 16.09 -16.12
C LEU A 226 0.20 17.41 -15.39
N GLY A 227 1.41 17.94 -15.59
CA GLY A 227 1.83 19.24 -15.02
C GLY A 227 2.55 19.12 -13.67
N VAL A 228 2.70 17.89 -13.17
CA VAL A 228 3.38 17.56 -11.88
C VAL A 228 4.90 17.75 -12.04
N LYS A 229 5.54 18.40 -11.07
CA LYS A 229 7.01 18.59 -11.06
C LYS A 229 7.66 17.42 -10.31
N LEU A 230 8.62 16.73 -10.92
CA LEU A 230 9.38 15.63 -10.27
C LEU A 230 10.86 16.06 -10.21
N ILE A 231 11.37 16.13 -8.98
CA ILE A 231 12.77 16.51 -8.64
C ILE A 231 13.44 15.25 -8.10
N LEU A 232 14.54 14.84 -8.71
CA LEU A 232 15.31 13.63 -8.32
C LEU A 232 16.60 14.05 -7.62
N ASN A 233 17.27 13.11 -6.96
CA ASN A 233 18.66 13.29 -6.49
C ASN A 233 18.74 14.43 -5.48
N THR A 234 17.62 14.74 -4.83
CA THR A 234 17.42 15.89 -3.88
C THR A 234 16.83 15.34 -2.59
N ASP A 235 17.57 15.48 -1.49
CA ASP A 235 17.13 15.08 -0.11
C ASP A 235 16.43 16.29 0.51
N VAL A 236 15.28 16.10 1.14
CA VAL A 236 14.61 17.19 1.89
C VAL A 236 15.17 17.22 3.32
N THR A 237 15.67 18.39 3.72
CA THR A 237 16.52 18.60 4.93
C THR A 237 15.90 19.63 5.90
N ALA A 238 14.92 20.43 5.45
CA ALA A 238 14.21 21.40 6.33
C ALA A 238 12.87 21.87 5.70
N ILE A 239 11.95 22.33 6.55
CA ILE A 239 10.72 23.08 6.18
C ILE A 239 10.62 24.33 7.07
N GLU A 240 10.20 25.46 6.49
CA GLU A 240 10.01 26.76 7.21
C GLU A 240 8.65 27.33 6.82
N LYS A 241 7.78 27.63 7.79
CA LYS A 241 6.43 28.20 7.56
C LYS A 241 6.58 29.70 7.33
N ALA A 242 6.26 30.17 6.12
CA ALA A 242 6.19 31.60 5.75
C ALA A 242 4.74 32.08 5.94
N ASP A 243 4.43 33.31 5.52
CA ASP A 243 3.05 33.87 5.47
C ASP A 243 2.19 33.02 4.54
N LYS A 244 1.29 32.21 5.13
CA LYS A 244 0.28 31.36 4.44
C LYS A 244 0.97 30.45 3.42
N LYS A 245 2.20 30.02 3.72
CA LYS A 245 3.09 29.28 2.79
C LYS A 245 3.98 28.36 3.62
N PHE A 246 4.65 27.41 2.93
CA PHE A 246 5.81 26.65 3.46
C PHE A 246 6.94 26.73 2.42
N ARG A 247 8.17 26.73 2.89
CA ARG A 247 9.41 26.87 2.09
C ARG A 247 10.33 25.69 2.48
N VAL A 248 10.69 24.84 1.51
CA VAL A 248 11.32 23.50 1.72
C VAL A 248 12.75 23.52 1.18
N LYS A 249 13.72 23.08 1.98
CA LYS A 249 15.15 22.96 1.58
C LYS A 249 15.37 21.59 0.91
N GLY A 250 15.90 21.61 -0.33
CA GLY A 250 16.33 20.43 -1.11
C GLY A 250 17.83 20.44 -1.38
N LYS A 251 18.57 19.43 -0.86
CA LYS A 251 20.04 19.29 -0.99
C LYS A 251 20.36 18.25 -2.06
N SER A 252 21.14 18.64 -3.07
CA SER A 252 21.81 17.77 -4.06
C SER A 252 23.33 18.01 -3.97
N ALA A 253 24.11 17.15 -4.65
CA ALA A 253 25.55 17.33 -4.97
C ALA A 253 25.79 18.71 -5.58
N GLU A 254 24.91 19.15 -6.47
CA GLU A 254 25.11 20.35 -7.31
C GLU A 254 24.83 21.63 -6.50
N LYS A 255 23.81 21.58 -5.63
CA LYS A 255 23.24 22.79 -5.01
C LYS A 255 22.30 22.41 -3.87
N THR A 256 21.88 23.44 -3.14
CA THR A 256 20.69 23.54 -2.28
C THR A 256 19.70 24.48 -3.00
N GLU A 257 18.45 24.03 -3.21
CA GLU A 257 17.35 24.86 -3.76
C GLU A 257 16.19 24.85 -2.76
N TYR A 258 15.26 25.80 -2.89
CA TYR A 258 14.14 26.04 -1.95
C TYR A 258 12.83 26.00 -2.73
N PHE A 259 11.82 25.28 -2.22
CA PHE A 259 10.49 25.14 -2.87
C PHE A 259 9.39 25.73 -1.98
N GLU A 260 8.47 26.51 -2.58
CA GLU A 260 7.31 27.12 -1.90
C GLU A 260 6.03 26.39 -2.31
N ALA A 261 5.15 26.11 -1.36
CA ALA A 261 3.84 25.45 -1.55
C ALA A 261 2.95 25.73 -0.34
N GLU A 262 1.62 25.78 -0.52
CA GLU A 262 0.64 25.95 0.59
C GLU A 262 0.84 24.83 1.61
N ALA A 263 1.13 23.62 1.14
CA ALA A 263 0.92 22.37 1.92
C ALA A 263 2.01 21.37 1.54
N VAL A 264 2.64 20.78 2.55
CA VAL A 264 3.78 19.85 2.38
C VAL A 264 3.35 18.52 2.99
N PHE A 265 3.61 17.39 2.32
CA PHE A 265 3.14 16.06 2.79
C PHE A 265 4.30 15.09 2.96
N ASN A 266 4.18 14.24 3.96
CA ASN A 266 5.18 13.20 4.31
C ASN A 266 4.88 11.92 3.52
N SER A 267 5.56 11.68 2.37
CA SER A 267 5.46 10.47 1.50
C SER A 267 6.67 9.55 1.68
N ALA A 268 7.37 9.63 2.81
CA ALA A 268 8.77 9.17 2.94
C ALA A 268 8.86 7.74 3.48
N GLY A 269 7.84 6.92 3.24
CA GLY A 269 7.83 5.54 3.75
C GLY A 269 7.31 5.44 5.18
N ARG A 270 6.99 4.21 5.58
CA ARG A 270 6.05 3.89 6.67
C ARG A 270 6.67 2.82 7.55
N PRO A 271 7.48 3.21 8.56
CA PRO A 271 8.00 2.24 9.52
C PRO A 271 6.90 1.52 10.26
N PRO A 272 7.18 0.30 10.79
CA PRO A 272 6.21 -0.42 11.58
C PRO A 272 5.86 0.40 12.82
N ALA A 273 4.65 0.21 13.36
CA ALA A 273 4.15 0.96 14.52
C ALA A 273 4.46 0.12 15.77
N ILE A 274 5.75 -0.09 16.06
CA ILE A 274 6.24 -1.00 17.14
C ILE A 274 7.18 -0.26 18.13
N PHE A 275 7.55 1.00 17.89
CA PHE A 275 8.73 1.64 18.57
C PHE A 275 8.32 2.30 19.88
N ASP A 276 7.02 2.46 20.12
CA ASP A 276 6.43 3.02 21.37
C ASP A 276 5.74 1.90 22.15
N LEU A 277 6.15 0.64 21.98
CA LEU A 277 5.45 -0.54 22.56
C LEU A 277 6.21 -1.10 23.77
N GLU A 278 7.43 -0.63 24.07
CA GLU A 278 8.25 -1.14 25.19
C GLU A 278 8.43 -2.66 25.04
N LEU A 279 8.81 -3.11 23.83
CA LEU A 279 8.95 -4.54 23.46
C LEU A 279 10.07 -5.18 24.30
N GLU A 280 11.09 -4.38 24.61
CA GLU A 280 12.25 -4.78 25.45
C GLU A 280 11.72 -5.36 26.77
N LYS A 281 10.70 -4.71 27.34
CA LYS A 281 10.12 -5.10 28.65
C LYS A 281 9.47 -6.50 28.58
N ALA A 282 9.25 -7.05 27.38
CA ALA A 282 8.64 -8.38 27.16
C ALA A 282 9.63 -9.37 26.53
N GLY A 283 10.92 -9.00 26.45
CA GLY A 283 11.95 -9.82 25.76
C GLY A 283 11.50 -10.23 24.37
N ILE A 284 10.97 -9.26 23.59
CA ILE A 284 10.45 -9.42 22.20
C ILE A 284 11.49 -8.87 21.20
N SER A 285 12.01 -9.74 20.32
CA SER A 285 13.03 -9.42 19.29
C SER A 285 12.39 -8.64 18.13
N PHE A 286 12.97 -7.50 17.76
CA PHE A 286 12.52 -6.63 16.65
C PHE A 286 13.70 -5.96 15.95
N THR A 287 13.64 -5.86 14.63
CA THR A 287 14.50 -5.02 13.76
C THR A 287 13.75 -3.72 13.44
N LYS A 288 14.26 -2.92 12.51
CA LYS A 288 13.63 -1.61 12.15
C LYS A 288 12.54 -1.86 11.09
N LYS A 289 12.45 -3.11 10.60
CA LYS A 289 11.43 -3.55 9.62
C LYS A 289 10.19 -4.15 10.32
N GLY A 290 10.24 -4.28 11.66
CA GLY A 290 9.10 -4.73 12.50
C GLY A 290 9.49 -5.89 13.41
N VAL A 291 8.50 -6.46 14.08
CA VAL A 291 8.67 -7.64 14.99
C VAL A 291 9.26 -8.80 14.20
N SER A 292 10.30 -9.44 14.76
CA SER A 292 11.00 -10.60 14.17
C SER A 292 10.15 -11.86 14.38
N VAL A 293 9.95 -12.64 13.32
CA VAL A 293 9.01 -13.80 13.29
C VAL A 293 9.71 -14.98 12.63
N ASN A 294 9.24 -16.21 12.90
CA ASN A 294 9.72 -17.47 12.29
C ASN A 294 8.68 -17.94 11.25
N GLU A 295 8.71 -19.20 10.82
CA GLU A 295 7.82 -19.76 9.76
C GLU A 295 6.36 -19.74 10.24
N HIS A 296 6.18 -19.71 11.57
CA HIS A 296 4.87 -19.80 12.26
C HIS A 296 4.37 -18.40 12.61
N LEU A 297 5.09 -17.36 12.16
CA LEU A 297 4.84 -15.93 12.50
C LEU A 297 4.85 -15.72 14.02
N GLN A 298 5.66 -16.50 14.73
CA GLN A 298 5.92 -16.38 16.20
C GLN A 298 7.21 -15.59 16.41
N ASN A 299 7.24 -14.68 17.37
CA ASN A 299 8.47 -13.97 17.82
C ASN A 299 9.56 -14.98 18.17
N THR A 300 10.83 -14.60 18.08
CA THR A 300 12.02 -15.49 18.15
C THR A 300 12.61 -15.58 19.57
N SER A 301 12.26 -14.69 20.49
CA SER A 301 12.71 -14.77 21.91
C SER A 301 11.52 -15.09 22.83
N ASN A 302 10.45 -14.27 22.78
CA ASN A 302 9.19 -14.44 23.54
C ASN A 302 8.26 -15.39 22.79
N PRO A 303 8.08 -16.65 23.25
CA PRO A 303 7.43 -17.69 22.44
C PRO A 303 5.88 -17.59 22.44
N ILE A 304 5.35 -16.60 23.17
CA ILE A 304 3.91 -16.40 23.44
C ILE A 304 3.40 -15.29 22.51
N VAL A 305 4.29 -14.72 21.71
CA VAL A 305 3.99 -13.53 20.86
C VAL A 305 4.00 -13.95 19.39
N TYR A 306 3.05 -13.41 18.64
CA TYR A 306 2.90 -13.55 17.17
C TYR A 306 2.73 -12.15 16.60
N ALA A 307 3.05 -11.97 15.31
CA ALA A 307 2.77 -10.71 14.61
C ALA A 307 2.29 -11.01 13.18
N ALA A 308 1.66 -10.01 12.55
CA ALA A 308 0.99 -10.11 11.24
C ALA A 308 0.71 -8.72 10.69
N GLY A 309 1.01 -8.52 9.39
CA GLY A 309 0.77 -7.26 8.66
C GLY A 309 2.03 -6.42 8.60
N ASP A 310 1.87 -5.10 8.37
CA ASP A 310 2.94 -4.08 8.30
C ASP A 310 3.79 -4.09 9.59
N ALA A 311 3.25 -4.48 10.74
CA ALA A 311 4.06 -4.52 11.99
C ALA A 311 5.06 -5.67 11.97
N ALA A 312 4.90 -6.67 11.07
CA ALA A 312 5.71 -7.90 11.05
C ALA A 312 6.87 -7.78 10.04
N ASP A 313 8.09 -8.05 10.55
CA ASP A 313 9.36 -8.17 9.76
C ASP A 313 9.32 -9.50 9.00
N SER A 314 8.41 -9.60 8.03
CA SER A 314 8.00 -10.83 7.32
C SER A 314 8.46 -10.76 5.86
N GLU A 315 8.51 -11.91 5.18
CA GLU A 315 8.84 -12.01 3.72
C GLU A 315 7.65 -11.57 2.87
N GLY A 316 6.68 -10.87 3.44
CA GLY A 316 5.47 -10.44 2.71
C GLY A 316 5.41 -8.94 2.60
N LEU A 317 4.75 -8.46 1.55
CA LEU A 317 4.70 -7.02 1.17
C LEU A 317 3.68 -6.34 2.06
N PRO A 318 3.93 -5.07 2.46
CA PRO A 318 3.01 -4.36 3.36
C PRO A 318 1.77 -3.94 2.57
N LEU A 319 0.78 -4.84 2.46
CA LEU A 319 -0.46 -4.70 1.63
C LEU A 319 -1.67 -5.32 2.37
N THR A 320 -2.86 -4.87 2.04
CA THR A 320 -4.11 -5.29 2.71
C THR A 320 -4.24 -6.80 2.59
N PRO A 321 -4.21 -7.40 1.38
CA PRO A 321 -4.40 -8.85 1.26
C PRO A 321 -3.33 -9.66 2.01
N VAL A 322 -2.13 -9.11 2.20
CA VAL A 322 -1.00 -9.82 2.89
C VAL A 322 -1.26 -9.89 4.40
N ALA A 323 -1.80 -8.81 4.98
CA ALA A 323 -2.14 -8.70 6.43
C ALA A 323 -3.16 -9.79 6.76
N VAL A 324 -4.08 -10.05 5.82
CA VAL A 324 -5.14 -11.08 5.98
C VAL A 324 -4.46 -12.46 5.99
N LEU A 325 -3.62 -12.78 5.01
CA LEU A 325 -3.08 -14.17 4.85
C LEU A 325 -2.19 -14.48 6.05
N GLU A 326 -1.43 -13.48 6.52
CA GLU A 326 -0.56 -13.55 7.74
C GLU A 326 -1.47 -13.71 8.98
N GLY A 327 -2.61 -13.03 9.01
CA GLY A 327 -3.64 -13.22 10.05
C GLY A 327 -3.97 -14.70 10.25
N HIS A 328 -4.34 -15.41 9.18
CA HIS A 328 -4.89 -16.79 9.19
C HIS A 328 -3.88 -17.82 9.73
N THR A 329 -2.59 -17.66 9.43
CA THR A 329 -1.51 -18.52 9.96
C THR A 329 -1.37 -18.29 11.48
N VAL A 330 -1.34 -17.03 11.91
CA VAL A 330 -1.23 -16.65 13.36
C VAL A 330 -2.46 -17.22 14.08
N ALA A 331 -3.66 -16.77 13.71
CA ALA A 331 -4.95 -17.31 14.22
C ALA A 331 -4.83 -18.83 14.37
N SER A 332 -4.57 -19.54 13.26
CA SER A 332 -4.53 -21.02 13.22
C SER A 332 -3.47 -21.55 14.20
N ASN A 333 -2.27 -20.99 14.25
CA ASN A 333 -1.19 -21.50 15.15
C ASN A 333 -1.53 -21.19 16.62
N ILE A 334 -2.20 -20.07 16.92
CA ILE A 334 -2.63 -19.73 18.31
C ILE A 334 -3.68 -20.75 18.77
N ILE A 335 -4.56 -21.13 17.86
CA ILE A 335 -5.77 -21.97 18.08
C ILE A 335 -5.30 -23.41 18.33
N LYS A 336 -4.55 -24.01 17.40
CA LYS A 336 -4.16 -25.46 17.43
C LYS A 336 -2.73 -25.65 17.93
N GLY A 337 -2.00 -24.58 18.29
CA GLY A 337 -0.53 -24.59 18.51
C GLY A 337 0.23 -24.48 17.19
N ASN A 338 1.56 -24.35 17.24
CA ASN A 338 2.40 -24.20 16.03
C ASN A 338 2.33 -25.48 15.19
N HIS A 339 1.70 -25.41 14.02
CA HIS A 339 1.43 -26.57 13.12
C HIS A 339 1.52 -26.12 11.66
N LYS A 340 1.22 -24.85 11.39
CA LYS A 340 1.08 -24.23 10.06
C LYS A 340 2.22 -23.22 9.86
N LYS A 341 2.98 -23.37 8.76
CA LYS A 341 4.03 -22.42 8.27
C LYS A 341 3.41 -21.42 7.29
N ILE A 342 3.76 -20.13 7.38
CA ILE A 342 3.24 -19.11 6.43
C ILE A 342 3.83 -19.43 5.06
N SER A 343 2.98 -19.43 4.03
CA SER A 343 3.31 -19.68 2.61
C SER A 343 2.74 -18.52 1.80
N TYR A 344 3.58 -17.80 1.07
CA TYR A 344 3.21 -16.63 0.23
C TYR A 344 2.99 -17.07 -1.22
N PRO A 345 1.80 -16.83 -1.81
CA PRO A 345 1.65 -16.88 -3.27
C PRO A 345 2.17 -15.61 -3.94
N PRO A 346 2.12 -15.52 -5.28
CA PRO A 346 2.30 -14.25 -5.98
C PRO A 346 1.62 -13.11 -5.23
N MET A 347 2.29 -11.97 -5.10
CA MET A 347 1.77 -10.81 -4.35
C MET A 347 1.63 -9.66 -5.33
N PRO A 348 0.60 -9.66 -6.19
CA PRO A 348 0.40 -8.56 -7.13
C PRO A 348 0.43 -7.23 -6.38
N THR A 349 1.03 -6.19 -6.95
CA THR A 349 0.99 -4.80 -6.40
C THR A 349 0.62 -3.80 -7.48
N VAL A 350 0.10 -2.65 -7.09
CA VAL A 350 -0.43 -1.62 -8.02
C VAL A 350 -0.08 -0.23 -7.52
N VAL A 351 0.14 0.68 -8.46
CA VAL A 351 0.18 2.15 -8.22
C VAL A 351 -1.04 2.72 -8.93
N PHE A 352 -2.01 3.14 -8.13
CA PHE A 352 -3.33 3.67 -8.54
C PHE A 352 -3.16 5.09 -9.05
N THR A 353 -2.13 5.30 -9.88
CA THR A 353 -2.07 6.46 -10.80
C THR A 353 -2.99 6.19 -11.99
N LEU A 354 -3.18 7.21 -12.82
CA LEU A 354 -3.82 7.07 -14.15
C LEU A 354 -2.83 7.51 -15.21
N PRO A 355 -2.35 6.58 -16.07
CA PRO A 355 -2.78 5.17 -16.02
C PRO A 355 -2.11 4.37 -14.89
N THR A 356 -2.84 3.38 -14.36
CA THR A 356 -2.37 2.44 -13.31
C THR A 356 -1.13 1.73 -13.83
N MET A 357 -0.20 1.40 -12.92
CA MET A 357 0.94 0.51 -13.17
C MET A 357 0.78 -0.65 -12.21
N ALA A 358 1.14 -1.87 -12.61
CA ALA A 358 1.04 -3.08 -11.75
C ALA A 358 2.23 -4.01 -11.98
N SER A 359 2.58 -4.81 -10.97
CA SER A 359 3.74 -5.75 -11.01
C SER A 359 3.38 -7.03 -10.26
N VAL A 360 3.99 -8.15 -10.62
CA VAL A 360 3.83 -9.44 -9.87
C VAL A 360 5.03 -10.33 -10.15
N GLY A 361 5.44 -11.12 -9.15
CA GLY A 361 6.67 -11.93 -9.17
C GLY A 361 7.90 -11.06 -9.39
N TYR A 362 8.89 -11.60 -10.08
CA TYR A 362 10.28 -11.09 -10.17
C TYR A 362 10.41 -10.01 -11.23
N THR A 363 11.25 -9.02 -10.93
CA THR A 363 11.85 -8.11 -11.94
C THR A 363 12.91 -8.87 -12.73
N GLU A 364 13.27 -8.37 -13.91
CA GLU A 364 14.50 -8.83 -14.61
C GLU A 364 15.65 -8.94 -13.60
N SER A 365 16.03 -7.86 -12.92
CA SER A 365 17.26 -7.83 -12.07
C SER A 365 17.21 -8.97 -11.05
N ARG A 366 16.05 -9.20 -10.42
CA ARG A 366 15.89 -10.22 -9.35
C ARG A 366 15.82 -11.62 -9.99
N ALA A 367 15.18 -11.77 -11.14
CA ALA A 367 15.15 -13.06 -11.87
C ALA A 367 16.59 -13.49 -12.17
N ARG A 368 17.46 -12.57 -12.62
CA ARG A 368 18.88 -12.90 -12.93
C ARG A 368 19.62 -13.31 -11.65
N GLU A 369 19.31 -12.66 -10.51
CA GLU A 369 20.01 -12.89 -9.21
C GLU A 369 19.79 -14.33 -8.74
N LEU A 370 18.71 -14.98 -9.17
CA LEU A 370 18.36 -16.35 -8.76
C LEU A 370 18.86 -17.35 -9.80
N ASN A 371 19.70 -16.87 -10.74
CA ASN A 371 20.41 -17.65 -11.78
C ASN A 371 19.43 -18.46 -12.63
N TYR A 372 18.24 -17.91 -12.87
CA TYR A 372 17.28 -18.43 -13.88
C TYR A 372 17.79 -18.06 -15.28
N ASN A 373 17.80 -19.00 -16.22
CA ASN A 373 17.86 -18.70 -17.68
C ASN A 373 16.44 -18.22 -18.07
N ILE A 374 16.33 -16.96 -18.48
CA ILE A 374 15.04 -16.25 -18.65
C ILE A 374 14.92 -15.77 -20.09
N GLN A 375 13.70 -15.62 -20.56
CA GLN A 375 13.35 -14.80 -21.75
C GLN A 375 12.72 -13.53 -21.18
N VAL A 376 13.01 -12.36 -21.75
CA VAL A 376 12.29 -11.09 -21.44
C VAL A 376 11.48 -10.68 -22.66
N ASN A 377 10.23 -10.26 -22.50
CA ASN A 377 9.49 -9.52 -23.55
C ASN A 377 9.12 -8.15 -22.97
N TYR A 378 9.77 -7.09 -23.43
CA TYR A 378 9.39 -5.70 -23.13
C TYR A 378 9.01 -5.03 -24.44
N LYS A 379 7.86 -4.38 -24.48
CA LYS A 379 7.42 -3.54 -25.63
C LYS A 379 6.52 -2.39 -25.14
N GLU A 380 6.70 -1.22 -25.73
CA GLU A 380 5.75 -0.09 -25.64
C GLU A 380 4.70 -0.27 -26.75
N VAL A 381 3.42 -0.37 -26.39
CA VAL A 381 2.31 -0.76 -27.31
C VAL A 381 1.19 0.27 -27.29
N GLY A 382 1.52 1.57 -27.17
CA GLY A 382 0.56 2.70 -27.25
C GLY A 382 -0.27 2.64 -28.53
N ASP A 383 0.24 1.95 -29.54
CA ASP A 383 -0.44 1.81 -30.86
C ASP A 383 -1.48 0.67 -30.84
N TRP A 384 -1.62 -0.12 -29.76
CA TRP A 384 -2.56 -1.28 -29.74
C TRP A 384 -4.00 -0.76 -29.62
N PHE A 385 -4.92 -1.41 -30.34
CA PHE A 385 -6.37 -1.10 -30.35
C PHE A 385 -6.85 -0.65 -28.97
N ASN A 386 -6.54 -1.45 -27.94
CA ASN A 386 -7.02 -1.24 -26.56
C ASN A 386 -6.62 0.15 -26.03
N ALA A 387 -5.41 0.62 -26.33
CA ALA A 387 -4.89 1.93 -25.82
C ALA A 387 -5.47 3.05 -26.68
N LYS A 388 -5.56 2.75 -27.98
CA LYS A 388 -5.92 3.67 -29.06
C LYS A 388 -7.37 4.10 -28.83
N ARG A 389 -8.28 3.13 -28.61
CA ARG A 389 -9.74 3.39 -28.52
C ARG A 389 -10.07 4.17 -27.24
N LEU A 390 -9.25 4.05 -26.19
CA LEU A 390 -9.39 4.80 -24.91
C LEU A 390 -8.52 6.07 -24.91
N ASN A 391 -7.64 6.25 -25.91
CA ASN A 391 -6.72 7.42 -26.05
C ASN A 391 -5.81 7.53 -24.82
N VAL A 392 -5.28 6.41 -24.36
CA VAL A 392 -4.32 6.33 -23.23
C VAL A 392 -2.97 6.19 -23.90
N ALA A 393 -2.12 7.20 -23.76
CA ALA A 393 -0.85 7.35 -24.52
C ALA A 393 0.17 6.30 -24.04
N GLU A 394 0.08 5.89 -22.78
CA GLU A 394 1.12 5.05 -22.11
C GLU A 394 0.54 3.64 -21.94
N TYR A 395 1.08 2.68 -22.69
CA TYR A 395 0.71 1.25 -22.61
C TYR A 395 1.99 0.51 -22.94
N ALA A 396 2.52 -0.24 -21.97
CA ALA A 396 3.81 -0.93 -22.12
C ALA A 396 3.79 -2.13 -21.20
N PHE A 397 4.58 -3.16 -21.48
CA PHE A 397 4.61 -4.37 -20.62
C PHE A 397 6.02 -4.95 -20.62
N LYS A 398 6.34 -5.69 -19.59
CA LYS A 398 7.58 -6.49 -19.52
C LYS A 398 7.19 -7.80 -18.82
N THR A 399 7.44 -8.93 -19.47
CA THR A 399 7.19 -10.26 -18.90
C THR A 399 8.52 -10.98 -18.77
N ILE A 400 8.59 -11.91 -17.84
CA ILE A 400 9.84 -12.65 -17.56
C ILE A 400 9.47 -14.13 -17.55
N ILE A 401 9.97 -14.92 -18.48
CA ILE A 401 9.56 -16.35 -18.59
C ILE A 401 10.74 -17.23 -18.12
N ASP A 402 10.53 -18.17 -17.21
CA ASP A 402 11.54 -19.24 -16.96
C ASP A 402 11.70 -20.02 -18.26
N GLU A 403 12.89 -19.92 -18.88
CA GLU A 403 13.22 -20.53 -20.21
C GLU A 403 13.07 -22.06 -20.12
N GLU A 404 13.46 -22.63 -18.98
CA GLU A 404 13.61 -24.08 -18.73
C GLU A 404 12.24 -24.75 -18.59
N THR A 405 11.30 -24.16 -17.84
CA THR A 405 9.93 -24.68 -17.58
C THR A 405 8.86 -23.93 -18.41
N GLN A 406 9.19 -22.88 -19.16
CA GLN A 406 8.17 -22.20 -20.00
C GLN A 406 6.96 -21.80 -19.13
N THR A 407 7.18 -21.45 -17.86
CA THR A 407 6.21 -20.81 -16.92
C THR A 407 6.64 -19.36 -16.66
N ILE A 408 5.73 -18.50 -16.24
CA ILE A 408 6.03 -17.06 -15.94
C ILE A 408 6.71 -16.92 -14.57
N LEU A 409 7.67 -16.00 -14.47
CA LEU A 409 8.39 -15.63 -13.21
C LEU A 409 7.98 -14.23 -12.76
N GLY A 410 7.56 -13.35 -13.66
CA GLY A 410 7.05 -12.03 -13.27
C GLY A 410 6.39 -11.29 -14.41
N ALA A 411 5.67 -10.22 -14.13
CA ALA A 411 5.12 -9.35 -15.18
C ALA A 411 4.83 -7.97 -14.61
N HIS A 412 5.12 -6.95 -15.40
CA HIS A 412 5.10 -5.55 -14.96
C HIS A 412 4.37 -4.83 -16.10
N LEU A 413 3.31 -4.09 -15.79
CA LEU A 413 2.41 -3.47 -16.81
C LEU A 413 2.15 -2.02 -16.41
N ILE A 414 1.99 -1.15 -17.41
CA ILE A 414 1.30 0.17 -17.27
C ILE A 414 0.31 0.29 -18.41
N GLY A 415 -0.87 0.83 -18.14
CA GLY A 415 -1.94 1.06 -19.14
C GLY A 415 -3.32 0.87 -18.53
N PRO A 416 -4.36 0.69 -19.38
CA PRO A 416 -5.73 0.45 -18.93
C PRO A 416 -5.91 -0.89 -18.20
N HIS A 417 -6.74 -0.86 -17.15
CA HIS A 417 -7.24 -2.02 -16.35
C HIS A 417 -6.08 -2.90 -15.85
N THR A 418 -4.85 -2.39 -15.75
CA THR A 418 -3.67 -3.20 -15.35
C THR A 418 -3.85 -3.73 -13.93
N GLU A 419 -4.45 -2.94 -13.04
CA GLU A 419 -4.74 -3.35 -11.64
C GLU A 419 -5.60 -4.63 -11.66
N GLU A 420 -6.45 -4.82 -12.67
CA GLU A 420 -7.24 -6.05 -12.86
C GLU A 420 -6.37 -7.11 -13.52
N THR A 421 -5.83 -6.81 -14.70
CA THR A 421 -5.09 -7.74 -15.58
C THR A 421 -3.95 -8.42 -14.80
N ILE A 422 -3.33 -7.71 -13.86
CA ILE A 422 -2.14 -8.24 -13.16
C ILE A 422 -2.50 -9.53 -12.43
N ASN A 423 -3.77 -9.70 -12.01
CA ASN A 423 -4.19 -10.89 -11.23
C ASN A 423 -4.09 -12.16 -12.10
N LEU A 424 -4.31 -12.05 -13.42
CA LEU A 424 -4.24 -13.19 -14.37
C LEU A 424 -2.81 -13.71 -14.39
N PHE A 425 -1.86 -12.80 -14.24
CA PHE A 425 -0.42 -13.14 -14.24
C PHE A 425 -0.14 -13.84 -12.91
N ALA A 426 -0.72 -13.31 -11.82
CA ALA A 426 -0.68 -13.94 -10.48
C ALA A 426 -1.20 -15.37 -10.58
N MET A 427 -2.37 -15.54 -11.18
CA MET A 427 -2.99 -16.88 -11.28
C MET A 427 -2.02 -17.75 -12.06
N ALA A 428 -1.64 -17.27 -13.24
CA ALA A 428 -0.63 -17.87 -14.14
C ALA A 428 0.62 -18.37 -13.39
N ILE A 429 1.28 -17.52 -12.59
CA ILE A 429 2.50 -17.89 -11.83
C ILE A 429 2.16 -19.03 -10.87
N LYS A 430 1.09 -18.87 -10.06
CA LYS A 430 0.70 -19.81 -8.96
C LYS A 430 0.35 -21.18 -9.53
N THR A 431 -0.33 -21.22 -10.67
CA THR A 431 -0.86 -22.47 -11.28
C THR A 431 0.21 -23.06 -12.18
N LYS A 432 1.36 -22.37 -12.34
CA LYS A 432 2.56 -22.83 -13.09
C LYS A 432 2.13 -23.17 -14.52
N MET A 433 1.23 -22.37 -15.05
CA MET A 433 0.64 -22.52 -16.39
C MET A 433 1.76 -22.34 -17.42
N LYS A 434 1.80 -23.19 -18.45
CA LYS A 434 2.81 -23.10 -19.53
C LYS A 434 2.44 -21.93 -20.43
N VAL A 435 3.46 -21.25 -20.92
CA VAL A 435 3.30 -20.04 -21.76
C VAL A 435 2.38 -20.38 -22.95
N ASN A 436 2.45 -21.60 -23.50
CA ASN A 436 1.65 -22.00 -24.70
C ASN A 436 0.18 -22.21 -24.32
N ASP A 437 -0.07 -22.84 -23.17
CA ASP A 437 -1.45 -23.03 -22.66
C ASP A 437 -2.04 -21.62 -22.54
N ILE A 438 -1.28 -20.61 -22.10
CA ILE A 438 -1.80 -19.21 -22.00
C ILE A 438 -2.05 -18.67 -23.41
N ARG A 439 -1.11 -18.87 -24.34
CA ARG A 439 -1.23 -18.35 -25.72
C ARG A 439 -2.48 -18.93 -26.41
N THR A 440 -2.79 -20.22 -26.23
CA THR A 440 -3.89 -20.93 -26.94
C THR A 440 -5.24 -20.89 -26.18
N MET A 441 -5.26 -20.27 -25.00
CA MET A 441 -6.43 -20.05 -24.12
C MET A 441 -7.30 -18.95 -24.73
N ILE A 442 -8.59 -18.91 -24.37
CA ILE A 442 -9.55 -17.95 -24.98
C ILE A 442 -10.01 -16.94 -23.93
N PHE A 443 -9.91 -15.69 -24.32
CA PHE A 443 -10.37 -14.52 -23.55
C PHE A 443 -11.62 -14.00 -24.24
N SER A 444 -12.54 -13.48 -23.43
CA SER A 444 -13.48 -12.41 -23.84
C SER A 444 -12.70 -11.40 -24.68
N TYR A 445 -13.31 -10.95 -25.77
CA TYR A 445 -12.82 -9.83 -26.62
C TYR A 445 -14.02 -8.97 -27.03
N PRO A 446 -13.94 -7.62 -27.06
CA PRO A 446 -12.70 -6.87 -26.85
C PRO A 446 -12.47 -6.50 -25.38
N THR A 447 -11.34 -6.95 -24.83
CA THR A 447 -10.84 -6.69 -23.46
C THR A 447 -9.31 -6.51 -23.40
N LEU A 448 -8.83 -5.83 -22.36
CA LEU A 448 -7.40 -5.71 -22.00
C LEU A 448 -6.83 -7.11 -21.69
N ALA A 449 -7.56 -7.97 -21.03
CA ALA A 449 -7.15 -9.36 -20.75
C ALA A 449 -6.72 -10.06 -22.02
N SER A 450 -7.31 -9.70 -23.17
CA SER A 450 -7.06 -10.40 -24.46
C SER A 450 -5.70 -9.98 -25.03
N ASP A 451 -5.03 -8.95 -24.49
CA ASP A 451 -3.65 -8.57 -24.88
C ASP A 451 -2.61 -9.49 -24.21
N ILE A 452 -2.96 -10.28 -23.20
CA ILE A 452 -1.96 -11.12 -22.47
C ILE A 452 -1.25 -12.10 -23.42
N PRO A 453 -1.96 -12.84 -24.30
CA PRO A 453 -1.30 -13.86 -25.12
C PRO A 453 -0.16 -13.21 -25.92
N HIS A 454 -0.37 -11.95 -26.28
CA HIS A 454 0.55 -11.10 -27.09
C HIS A 454 1.75 -10.60 -26.26
N MET A 455 1.75 -10.72 -24.94
CA MET A 455 2.90 -10.35 -24.06
C MET A 455 3.77 -11.58 -23.79
N LEU A 456 3.39 -12.72 -24.42
CA LEU A 456 3.80 -14.15 -24.26
C LEU A 456 3.34 -14.72 -22.91
#